data_3SI8
#
_entry.id   3SI8
#
_cell.length_a   61.236
_cell.length_b   80.259
_cell.length_c   139.759
_cell.angle_alpha   90.00
_cell.angle_beta   90.00
_cell.angle_gamma   90.00
#
_symmetry.space_group_name_H-M   'P 21 21 21'
#
loop_
_entity.id
_entity.type
_entity.pdbx_description
1 polymer 'DNA polymerase eta'
2 polymer "DNA (5'-D(*TP*A*AP*CP*(TTD)P*AP*TP*GP*AP*CP*GP*C)-3')"
3 polymer "DNA (5'-D(*TP*GP*CP*GP*TP*CP*AP*TP*A)-3')"
4 non-polymer "2'-deoxy-5'-O-[(R)-hydroxy{[(R)-hydroxy(phosphonooxy)phosphoryl]amino}phosphoryl]adenosine"
5 non-polymer GLYCEROL
6 non-polymer (2R,3S,5R)-5-(6-amino-9H-purin-9-yl)-tetrahydro-2-(hydroxymethyl)furan-3-ol
7 non-polymer 2,3-DIHYDROXY-1,4-DITHIOBUTANE
8 non-polymer 1,2-ETHANEDIOL
9 non-polymer 'MAGNESIUM ION'
10 non-polymer 'COBALT (II) ION'
11 water water
#
loop_
_entity_poly.entity_id
_entity_poly.type
_entity_poly.pdbx_seq_one_letter_code
_entity_poly.pdbx_strand_id
1 'polypeptide(L)'
;GPHMATGQDRVVALVDMDCFFVQVEQRQNPHLRNKPCAVVQYKSWKGGGIIAVSYEARAFGVTRSMWADDAKKLCPDLLL
AQVRESRGKANLTKYREASVEVMEIMSRFAVIERASIDEAYVDLTSAVQERLQKLQGQPISADLLPSTYIEGLPQGPTTA
EETVQKEGMRKQGLFQWLDSLQIDNLTSPDLQLTVGAVIVEEMRAAIERETGFQCSAGISHNKVLAKLACGLNKPNRQTL
VSHGSVPQLFSQMPIRKIRSLGGKLGASVIEILGIEYMGELTQFTESQLQSHFGEKNGSWLYAMCRGIEHDPVKPRQLPK
TIGCSKNFPGKTALATREQVQWWLLQLAQELEERLTKDRNDNDRVATQLVVSIRVQGDKRLSSLRRCCALTRYDAHKMSH
DAFTVIKNCNTSGIQTEWSPPLTMLFLCATKFSAS
;
A
2 'polydeoxyribonucleotide' (DT)(DA)(DA)(DC)(TTD)(DA)(DT)(DG)(DA)(DC)(DG)(DC) T
3 'polydeoxyribonucleotide' (DT)(DG)(DC)(DG)(DT)(DC)(DA)(DT)(DA) P
#
loop_
_chem_comp.id
_chem_comp.type
_chem_comp.name
_chem_comp.formula
3D1 non-polymer (2R,3S,5R)-5-(6-amino-9H-purin-9-yl)-tetrahydro-2-(hydroxymethyl)furan-3-ol 'C10 H13 N5 O3'
CO non-polymer 'COBALT (II) ION' 'Co 2'
DA DNA linking 2'-DEOXYADENOSINE-5'-MONOPHOSPHATE 'C10 H14 N5 O6 P'
DC DNA linking 2'-DEOXYCYTIDINE-5'-MONOPHOSPHATE 'C9 H14 N3 O7 P'
DG DNA linking 2'-DEOXYGUANOSINE-5'-MONOPHOSPHATE 'C10 H14 N5 O7 P'
DT DNA linking THYMIDINE-5'-MONOPHOSPHATE 'C10 H15 N2 O8 P'
DTT non-polymer 2,3-DIHYDROXY-1,4-DITHIOBUTANE 'C4 H10 O2 S2'
DZ4 non-polymer 2'-deoxy-5'-O-[(R)-hydroxy{[(R)-hydroxy(phosphonooxy)phosphoryl]amino}phosphoryl]adenosine 'C10 H17 N6 O11 P3'
EDO non-polymer 1,2-ETHANEDIOL 'C2 H6 O2'
GOL non-polymer GLYCEROL 'C3 H8 O3'
MG non-polymer 'MAGNESIUM ION' 'Mg 2'
TTD DNA linking 'CIS-SYN CYCLOBUTANE THYMINE DIMER' 'C20 H28 N4 O15 P2'
#
# COMPACT_ATOMS: atom_id res chain seq x y z
N PRO A 2 3.07 -2.13 28.71
CA PRO A 2 2.05 -1.17 28.22
C PRO A 2 2.77 0.16 28.01
N HIS A 3 4.04 0.14 28.37
CA HIS A 3 4.88 1.32 28.29
C HIS A 3 5.21 1.75 26.87
N MET A 4 5.53 3.04 26.77
CA MET A 4 5.92 3.66 25.53
C MET A 4 7.36 3.20 25.35
N ALA A 5 8.04 3.05 26.47
CA ALA A 5 9.43 2.64 26.50
C ALA A 5 9.72 1.35 25.73
N THR A 6 8.81 0.39 25.84
CA THR A 6 8.98 -0.88 25.13
C THR A 6 8.12 -0.85 23.87
N GLY A 7 7.59 0.32 23.56
CA GLY A 7 6.76 0.51 22.39
C GLY A 7 5.61 -0.49 22.26
N GLN A 8 4.89 -0.68 23.37
CA GLN A 8 3.76 -1.60 23.40
C GLN A 8 2.54 -0.78 23.80
N ASP A 9 2.62 0.52 23.55
CA ASP A 9 1.56 1.46 23.91
C ASP A 9 0.29 1.48 23.04
N ARG A 10 0.36 0.98 21.81
CA ARG A 10 -0.81 1.02 20.94
C ARG A 10 -1.13 -0.34 20.32
N VAL A 11 -2.30 -0.41 19.69
CA VAL A 11 -2.71 -1.59 18.96
C VAL A 11 -2.97 -1.03 17.58
N VAL A 12 -2.13 -1.42 16.61
CA VAL A 12 -2.26 -0.93 15.25
C VAL A 12 -2.44 -2.09 14.27
N ALA A 13 -3.26 -1.88 13.25
CA ALA A 13 -3.47 -2.92 12.26
C ALA A 13 -3.37 -2.37 10.85
N LEU A 14 -3.00 -3.24 9.92
CA LEU A 14 -2.90 -2.88 8.52
C LEU A 14 -3.75 -3.91 7.77
N VAL A 15 -4.69 -3.43 6.96
CA VAL A 15 -5.54 -4.32 6.18
C VAL A 15 -5.26 -4.09 4.70
N ASP A 16 -4.91 -5.14 3.98
CA ASP A 16 -4.62 -5.01 2.55
C ASP A 16 -5.40 -6.07 1.79
N MET A 17 -6.09 -5.62 0.75
CA MET A 17 -6.88 -6.52 -0.11
C MET A 17 -5.98 -7.49 -0.87
N ASP A 18 -6.43 -8.73 -0.98
CA ASP A 18 -5.70 -9.77 -1.70
C ASP A 18 -5.87 -9.55 -3.22
N CYS A 19 -4.76 -9.59 -3.97
CA CYS A 19 -4.79 -9.40 -5.43
C CYS A 19 -6.01 -8.55 -5.79
N PHE A 20 -6.01 -7.34 -5.28
CA PHE A 20 -7.12 -6.41 -5.45
C PHE A 20 -7.70 -6.24 -6.83
N PHE A 21 -6.90 -5.83 -7.81
CA PHE A 21 -7.44 -5.64 -9.16
C PHE A 21 -8.10 -6.92 -9.67
N VAL A 22 -7.48 -8.06 -9.40
CA VAL A 22 -8.02 -9.34 -9.85
C VAL A 22 -9.39 -9.57 -9.23
N GLN A 23 -9.51 -9.30 -7.93
CA GLN A 23 -10.80 -9.51 -7.29
C GLN A 23 -11.87 -8.59 -7.83
N VAL A 24 -11.50 -7.36 -8.19
CA VAL A 24 -12.49 -6.42 -8.70
C VAL A 24 -13.04 -6.91 -10.04
N GLU A 25 -12.18 -7.50 -10.86
CA GLU A 25 -12.59 -8.03 -12.15
C GLU A 25 -13.46 -9.26 -11.95
N GLN A 26 -13.09 -10.09 -10.97
CA GLN A 26 -13.83 -11.33 -10.70
C GLN A 26 -15.24 -11.04 -10.21
N ARG A 27 -15.45 -9.87 -9.61
CA ARG A 27 -16.77 -9.56 -9.12
C ARG A 27 -17.70 -9.23 -10.28
N GLN A 28 -17.14 -8.62 -11.32
CA GLN A 28 -17.90 -8.26 -12.50
C GLN A 28 -18.14 -9.51 -13.34
N ASN A 29 -17.08 -10.30 -13.53
CA ASN A 29 -17.16 -11.53 -14.31
C ASN A 29 -17.00 -12.76 -13.43
N PRO A 30 -18.12 -13.39 -13.05
CA PRO A 30 -18.10 -14.59 -12.20
C PRO A 30 -17.19 -15.70 -12.73
N HIS A 31 -17.17 -15.87 -14.06
CA HIS A 31 -16.36 -16.91 -14.68
C HIS A 31 -14.87 -16.84 -14.36
N LEU A 32 -14.39 -15.70 -13.88
CA LEU A 32 -12.98 -15.58 -13.56
C LEU A 32 -12.64 -16.09 -12.16
N ARG A 33 -13.67 -16.40 -11.38
CA ARG A 33 -13.50 -16.86 -10.02
C ARG A 33 -12.79 -18.20 -9.84
N ASN A 34 -12.07 -18.31 -8.73
CA ASN A 34 -11.32 -19.50 -8.37
C ASN A 34 -10.56 -20.13 -9.52
N LYS A 35 -9.95 -19.28 -10.33
CA LYS A 35 -9.16 -19.75 -11.46
C LYS A 35 -7.94 -18.86 -11.62
N PRO A 36 -6.83 -19.43 -12.11
CA PRO A 36 -5.62 -18.62 -12.28
C PRO A 36 -5.84 -17.54 -13.34
N CYS A 37 -5.67 -16.29 -12.93
CA CYS A 37 -5.84 -15.18 -13.85
C CYS A 37 -4.93 -14.02 -13.45
N ALA A 38 -4.88 -13.02 -14.31
CA ALA A 38 -4.05 -11.86 -14.06
C ALA A 38 -4.62 -10.63 -14.75
N VAL A 39 -4.04 -9.49 -14.41
CA VAL A 39 -4.44 -8.21 -14.96
C VAL A 39 -3.19 -7.53 -15.51
N VAL A 40 -3.24 -7.19 -16.79
CA VAL A 40 -2.12 -6.53 -17.45
C VAL A 40 -2.47 -5.07 -17.74
N GLN A 41 -1.44 -4.24 -17.88
CA GLN A 41 -1.64 -2.82 -18.15
C GLN A 41 -2.38 -2.67 -19.49
N TYR A 42 -2.82 -1.44 -19.79
CA TYR A 42 -3.57 -1.15 -21.01
C TYR A 42 -2.83 -1.38 -22.34
N LYS A 43 -1.50 -1.35 -22.32
CA LYS A 43 -0.73 -1.57 -23.54
C LYS A 43 -0.56 -3.04 -23.84
N SER A 44 -0.88 -3.42 -25.08
CA SER A 44 -0.75 -4.81 -25.49
C SER A 44 0.49 -5.05 -26.35
N TRP A 45 1.52 -5.58 -25.72
CA TRP A 45 2.78 -5.92 -26.37
C TRP A 45 3.32 -7.06 -25.54
N LYS A 46 3.53 -8.21 -26.17
CA LYS A 46 4.00 -9.37 -25.43
C LYS A 46 2.88 -9.72 -24.45
N GLY A 47 1.65 -9.40 -24.85
CA GLY A 47 0.50 -9.68 -24.02
C GLY A 47 0.17 -8.65 -22.94
N GLY A 48 1.04 -7.66 -22.76
CA GLY A 48 0.80 -6.65 -21.74
C GLY A 48 1.54 -6.88 -20.43
N GLY A 49 1.96 -5.80 -19.78
CA GLY A 49 2.66 -5.91 -18.51
C GLY A 49 1.72 -6.35 -17.41
N ILE A 50 2.21 -7.18 -16.50
CA ILE A 50 1.37 -7.69 -15.41
C ILE A 50 1.49 -6.89 -14.12
N ILE A 51 0.35 -6.46 -13.59
CA ILE A 51 0.32 -5.70 -12.34
C ILE A 51 -0.37 -6.46 -11.21
N ALA A 52 -1.36 -7.30 -11.55
CA ALA A 52 -2.09 -8.07 -10.55
C ALA A 52 -2.29 -9.54 -10.95
N VAL A 53 -1.85 -10.46 -10.08
CA VAL A 53 -1.94 -11.89 -10.34
C VAL A 53 -2.75 -12.63 -9.27
N SER A 54 -3.66 -13.52 -9.70
CA SER A 54 -4.47 -14.29 -8.76
C SER A 54 -3.56 -15.28 -8.04
N TYR A 55 -3.95 -15.68 -6.84
CA TYR A 55 -3.12 -16.61 -6.08
C TYR A 55 -3.02 -17.99 -6.75
N GLU A 56 -4.10 -18.42 -7.39
CA GLU A 56 -4.09 -19.69 -8.09
C GLU A 56 -2.96 -19.66 -9.10
N ALA A 57 -2.81 -18.52 -9.77
CA ALA A 57 -1.78 -18.34 -10.79
C ALA A 57 -0.37 -18.14 -10.23
N ARG A 58 -0.25 -17.68 -8.99
CA ARG A 58 1.07 -17.47 -8.40
C ARG A 58 1.75 -18.81 -8.20
N ALA A 59 0.94 -19.87 -8.08
CA ALA A 59 1.46 -21.22 -7.88
C ALA A 59 2.28 -21.64 -9.09
N PHE A 60 1.86 -21.19 -10.27
CA PHE A 60 2.54 -21.51 -11.52
C PHE A 60 3.79 -20.64 -11.70
N GLY A 61 4.05 -19.78 -10.72
CA GLY A 61 5.22 -18.93 -10.78
C GLY A 61 5.00 -17.56 -11.41
N VAL A 62 3.76 -17.22 -11.74
CA VAL A 62 3.47 -15.92 -12.35
C VAL A 62 3.65 -14.76 -11.38
N THR A 63 4.29 -13.69 -11.85
CA THR A 63 4.51 -12.51 -11.03
C THR A 63 4.18 -11.25 -11.82
N ARG A 64 4.03 -10.13 -11.12
CA ARG A 64 3.75 -8.86 -11.77
C ARG A 64 5.10 -8.36 -12.25
N SER A 65 5.11 -7.41 -13.17
CA SER A 65 6.35 -6.85 -13.68
C SER A 65 7.03 -7.84 -14.63
N MET A 66 6.23 -8.74 -15.20
CA MET A 66 6.73 -9.72 -16.16
C MET A 66 5.70 -9.82 -17.28
N TRP A 67 6.18 -9.96 -18.51
CA TRP A 67 5.32 -10.04 -19.68
C TRP A 67 4.27 -11.14 -19.65
N ALA A 68 3.07 -10.79 -20.09
CA ALA A 68 1.92 -11.69 -20.12
C ALA A 68 2.16 -13.00 -20.87
N ASP A 69 2.77 -12.91 -22.05
CA ASP A 69 3.02 -14.11 -22.83
C ASP A 69 4.06 -14.99 -22.14
N ASP A 70 5.06 -14.38 -21.52
CA ASP A 70 6.07 -15.15 -20.81
C ASP A 70 5.42 -15.79 -19.59
N ALA A 71 4.38 -15.14 -19.07
CA ALA A 71 3.64 -15.65 -17.93
C ALA A 71 2.76 -16.79 -18.43
N LYS A 72 2.31 -16.66 -19.67
CA LYS A 72 1.47 -17.67 -20.30
C LYS A 72 2.14 -19.03 -20.35
N LYS A 73 3.41 -19.06 -20.77
CA LYS A 73 4.14 -20.33 -20.86
C LYS A 73 4.14 -21.08 -19.54
N LEU A 74 4.38 -20.38 -18.43
CA LEU A 74 4.40 -21.02 -17.12
C LEU A 74 3.00 -21.45 -16.68
N CYS A 75 1.99 -20.67 -17.04
CA CYS A 75 0.61 -21.00 -16.69
C CYS A 75 -0.31 -20.81 -17.89
N PRO A 76 -0.25 -21.75 -18.85
CA PRO A 76 -1.08 -21.70 -20.05
C PRO A 76 -2.57 -21.56 -19.76
N ASP A 77 -3.01 -22.05 -18.61
CA ASP A 77 -4.43 -21.93 -18.25
C ASP A 77 -4.74 -20.47 -17.95
N LEU A 78 -3.70 -19.70 -17.63
CA LEU A 78 -3.84 -18.29 -17.29
C LEU A 78 -4.86 -17.50 -18.08
N LEU A 79 -5.79 -16.89 -17.37
CA LEU A 79 -6.81 -16.05 -17.98
C LEU A 79 -6.34 -14.60 -17.79
N LEU A 80 -6.60 -13.75 -18.77
CA LEU A 80 -6.15 -12.36 -18.69
C LEU A 80 -7.26 -11.32 -18.71
N ALA A 81 -7.05 -10.27 -17.91
CA ALA A 81 -7.96 -9.14 -17.83
C ALA A 81 -7.04 -7.94 -18.02
N GLN A 82 -7.51 -6.96 -18.78
CA GLN A 82 -6.69 -5.78 -19.05
C GLN A 82 -7.40 -4.51 -18.61
N VAL A 83 -6.62 -3.52 -18.21
CA VAL A 83 -7.17 -2.23 -17.79
C VAL A 83 -7.80 -1.56 -19.01
N ARG A 84 -9.03 -1.08 -18.85
CA ARG A 84 -9.72 -0.39 -19.92
C ARG A 84 -8.89 0.85 -20.23
N GLU A 85 -8.94 1.31 -21.47
CA GLU A 85 -8.17 2.47 -21.89
C GLU A 85 -9.06 3.69 -22.16
N SER A 86 -8.56 4.87 -21.81
CA SER A 86 -9.28 6.13 -22.02
C SER A 86 -8.32 7.27 -22.31
N ARG A 87 -8.62 8.04 -23.35
CA ARG A 87 -7.79 9.16 -23.76
C ARG A 87 -6.34 8.69 -23.86
N GLY A 88 -6.14 7.52 -24.47
CA GLY A 88 -4.80 7.00 -24.64
C GLY A 88 -4.10 6.49 -23.40
N LYS A 89 -4.76 6.51 -22.25
CA LYS A 89 -4.11 6.03 -21.03
C LYS A 89 -5.02 5.09 -20.22
N ALA A 90 -4.47 4.46 -19.19
CA ALA A 90 -5.25 3.53 -18.38
C ALA A 90 -6.42 4.22 -17.65
N ASN A 91 -7.50 3.45 -17.44
CA ASN A 91 -8.70 3.94 -16.74
C ASN A 91 -8.84 3.07 -15.50
N LEU A 92 -8.70 3.67 -14.32
CA LEU A 92 -8.75 2.92 -13.08
C LEU A 92 -9.99 3.18 -12.24
N THR A 93 -11.01 3.76 -12.86
CA THR A 93 -12.25 4.08 -12.16
C THR A 93 -12.85 2.91 -11.36
N LYS A 94 -12.87 1.74 -11.99
CA LYS A 94 -13.44 0.53 -11.40
C LYS A 94 -12.79 0.19 -10.04
N TYR A 95 -11.47 0.23 -10.01
CA TYR A 95 -10.72 -0.07 -8.80
C TYR A 95 -10.92 1.01 -7.74
N ARG A 96 -10.84 2.29 -8.13
CA ARG A 96 -11.04 3.40 -7.20
C ARG A 96 -12.40 3.26 -6.55
N GLU A 97 -13.40 2.87 -7.33
CA GLU A 97 -14.77 2.70 -6.83
C GLU A 97 -14.87 1.53 -5.86
N ALA A 98 -14.10 0.47 -6.11
CA ALA A 98 -14.10 -0.68 -5.22
C ALA A 98 -13.36 -0.29 -3.93
N SER A 99 -12.33 0.53 -4.09
CA SER A 99 -11.53 1.01 -2.97
C SER A 99 -12.43 1.76 -1.98
N VAL A 100 -13.24 2.67 -2.49
CA VAL A 100 -14.14 3.46 -1.65
C VAL A 100 -15.06 2.56 -0.84
N GLU A 101 -15.54 1.48 -1.46
CA GLU A 101 -16.43 0.56 -0.78
C GLU A 101 -15.82 0.01 0.49
N VAL A 102 -14.62 -0.54 0.35
CA VAL A 102 -13.91 -1.13 1.48
C VAL A 102 -13.61 -0.11 2.58
N MET A 103 -13.11 1.05 2.19
CA MET A 103 -12.75 2.11 3.14
C MET A 103 -13.95 2.57 3.98
N GLU A 104 -15.10 2.77 3.35
CA GLU A 104 -16.26 3.19 4.11
C GLU A 104 -16.61 2.14 5.16
N ILE A 105 -16.46 0.86 4.82
CA ILE A 105 -16.76 -0.21 5.77
C ILE A 105 -15.78 -0.25 6.95
N MET A 106 -14.49 -0.04 6.69
CA MET A 106 -13.51 -0.06 7.78
C MET A 106 -13.71 1.13 8.72
N SER A 107 -14.03 2.29 8.14
CA SER A 107 -14.23 3.51 8.91
C SER A 107 -15.33 3.37 9.97
N ARG A 108 -16.19 2.37 9.79
CA ARG A 108 -17.27 2.14 10.73
C ARG A 108 -16.74 1.56 12.04
N PHE A 109 -15.70 0.75 11.95
CA PHE A 109 -15.10 0.11 13.14
C PHE A 109 -14.11 1.00 13.88
N ALA A 110 -13.46 1.89 13.13
CA ALA A 110 -12.47 2.79 13.69
C ALA A 110 -12.08 3.76 12.61
N VAL A 111 -11.51 4.89 12.99
CA VAL A 111 -11.05 5.85 11.99
C VAL A 111 -9.82 5.20 11.38
N ILE A 112 -9.64 5.42 10.08
CA ILE A 112 -8.54 4.80 9.37
C ILE A 112 -7.61 5.79 8.72
N GLU A 113 -6.45 5.30 8.32
CA GLU A 113 -5.50 6.09 7.57
C GLU A 113 -5.31 5.31 6.27
N ARG A 114 -5.96 5.78 5.22
CA ARG A 114 -5.85 5.15 3.92
C ARG A 114 -4.41 5.32 3.47
N ALA A 115 -3.72 4.21 3.23
CA ALA A 115 -2.32 4.26 2.83
C ALA A 115 -2.07 4.00 1.34
N SER A 116 -3.07 3.46 0.64
CA SER A 116 -2.95 3.19 -0.78
C SER A 116 -4.33 2.84 -1.29
N ILE A 117 -4.43 2.51 -2.58
CA ILE A 117 -5.72 2.16 -3.14
C ILE A 117 -6.37 0.91 -2.55
N ASP A 118 -5.58 0.01 -1.96
CA ASP A 118 -6.17 -1.21 -1.40
C ASP A 118 -5.76 -1.54 0.04
N GLU A 119 -5.24 -0.56 0.76
CA GLU A 119 -4.82 -0.81 2.15
C GLU A 119 -4.95 0.41 3.04
N ALA A 120 -5.15 0.16 4.32
CA ALA A 120 -5.28 1.24 5.31
C ALA A 120 -4.87 0.79 6.71
N TYR A 121 -4.29 1.71 7.45
CA TYR A 121 -3.87 1.44 8.81
C TYR A 121 -5.02 1.77 9.74
N VAL A 122 -5.08 1.07 10.87
CA VAL A 122 -6.12 1.29 11.85
C VAL A 122 -5.52 1.37 13.24
N ASP A 123 -5.89 2.40 14.00
CA ASP A 123 -5.42 2.52 15.37
C ASP A 123 -6.62 2.02 16.20
N LEU A 124 -6.51 0.81 16.74
CA LEU A 124 -7.57 0.17 17.51
C LEU A 124 -7.46 0.30 19.02
N THR A 125 -6.50 1.09 19.49
CA THR A 125 -6.31 1.24 20.92
C THR A 125 -7.60 1.53 21.69
N SER A 126 -8.35 2.56 21.29
CA SER A 126 -9.62 2.91 21.94
C SER A 126 -10.67 1.80 21.88
N ALA A 127 -10.85 1.27 20.67
CA ALA A 127 -11.84 0.21 20.46
C ALA A 127 -11.54 -1.00 21.34
N VAL A 128 -10.26 -1.27 21.58
CA VAL A 128 -9.87 -2.40 22.41
C VAL A 128 -10.29 -2.20 23.87
N GLN A 129 -10.14 -0.99 24.38
CA GLN A 129 -10.53 -0.73 25.76
C GLN A 129 -12.02 -1.02 25.90
N GLU A 130 -12.81 -0.41 25.03
CA GLU A 130 -14.25 -0.60 25.03
C GLU A 130 -14.63 -2.08 24.99
N ARG A 131 -13.94 -2.85 24.14
CA ARG A 131 -14.26 -4.26 24.02
C ARG A 131 -13.89 -4.98 25.32
N LEU A 132 -12.87 -4.50 26.01
CA LEU A 132 -12.47 -5.11 27.26
C LEU A 132 -13.49 -4.77 28.35
N GLN A 133 -14.14 -3.61 28.21
CA GLN A 133 -15.16 -3.19 29.16
C GLN A 133 -16.41 -4.04 28.99
N LYS A 134 -16.94 -4.03 27.77
CA LYS A 134 -18.16 -4.76 27.45
C LYS A 134 -18.05 -6.27 27.64
N LEU A 135 -16.86 -6.82 27.47
CA LEU A 135 -16.68 -8.26 27.64
C LEU A 135 -16.97 -8.69 29.07
N GLN A 136 -16.55 -7.87 30.03
CA GLN A 136 -16.78 -8.17 31.44
C GLN A 136 -16.06 -9.43 31.95
N GLY A 137 -14.80 -9.59 31.56
CA GLY A 137 -14.03 -10.74 32.03
C GLY A 137 -14.20 -12.08 31.35
N GLN A 138 -15.08 -12.18 30.36
CA GLN A 138 -15.27 -13.44 29.67
C GLN A 138 -14.00 -13.79 28.86
N PRO A 139 -13.62 -15.07 28.83
CA PRO A 139 -12.43 -15.53 28.09
C PRO A 139 -12.58 -15.33 26.58
N ILE A 140 -11.46 -15.37 25.88
CA ILE A 140 -11.48 -15.21 24.41
C ILE A 140 -11.29 -16.58 23.80
N SER A 141 -12.34 -17.12 23.20
CA SER A 141 -12.23 -18.44 22.59
C SER A 141 -11.64 -18.37 21.18
N ALA A 142 -10.93 -19.42 20.80
CA ALA A 142 -10.29 -19.48 19.49
C ALA A 142 -11.29 -19.33 18.34
N ASP A 143 -12.58 -19.52 18.63
CA ASP A 143 -13.60 -19.40 17.60
C ASP A 143 -13.77 -17.95 17.15
N LEU A 144 -13.28 -17.02 17.93
CA LEU A 144 -13.38 -15.61 17.55
C LEU A 144 -12.21 -15.21 16.66
N LEU A 145 -11.26 -16.13 16.47
CA LEU A 145 -10.07 -15.88 15.67
C LEU A 145 -9.85 -17.02 14.66
N PRO A 146 -10.85 -17.24 13.78
CA PRO A 146 -10.84 -18.28 12.75
C PRO A 146 -9.74 -18.20 11.71
N SER A 147 -9.23 -17.00 11.46
CA SER A 147 -8.18 -16.83 10.45
C SER A 147 -6.91 -16.16 10.97
N THR A 148 -6.67 -16.27 12.28
CA THR A 148 -5.51 -15.66 12.90
C THR A 148 -4.31 -16.58 13.13
N TYR A 149 -3.14 -16.03 12.82
CA TYR A 149 -1.87 -16.72 13.02
C TYR A 149 -1.12 -15.91 14.07
N ILE A 150 -0.52 -16.61 15.03
CA ILE A 150 0.28 -15.96 16.06
C ILE A 150 1.73 -16.18 15.65
N GLU A 151 2.41 -15.12 15.24
CA GLU A 151 3.81 -15.22 14.81
C GLU A 151 4.73 -15.74 15.93
N GLY A 152 5.54 -16.74 15.60
CA GLY A 152 6.44 -17.31 16.58
C GLY A 152 5.95 -18.58 17.25
N LEU A 153 4.66 -18.90 17.09
CA LEU A 153 4.12 -20.10 17.69
C LEU A 153 3.53 -21.03 16.65
N PRO A 154 3.42 -22.33 16.98
CA PRO A 154 3.81 -22.94 18.25
C PRO A 154 5.30 -23.21 18.44
N GLN A 155 5.68 -23.48 19.69
CA GLN A 155 7.05 -23.85 20.04
C GLN A 155 6.92 -25.36 20.29
N GLY A 156 7.58 -26.17 19.48
CA GLY A 156 7.50 -27.61 19.65
C GLY A 156 6.48 -28.25 18.74
N VAL A 164 -3.22 -27.91 4.03
CA VAL A 164 -4.32 -28.46 4.80
C VAL A 164 -3.91 -28.67 6.26
N GLN A 165 -2.80 -29.35 6.47
CA GLN A 165 -2.29 -29.61 7.81
C GLN A 165 -1.78 -28.30 8.42
N LYS A 166 -1.52 -27.34 7.56
CA LYS A 166 -1.04 -26.02 7.96
C LYS A 166 -2.07 -25.42 8.90
N GLU A 167 -3.33 -25.81 8.71
CA GLU A 167 -4.43 -25.32 9.54
C GLU A 167 -4.28 -25.86 10.97
N GLY A 168 -3.69 -27.05 11.07
CA GLY A 168 -3.48 -27.66 12.38
C GLY A 168 -2.47 -26.87 13.17
N MET A 169 -1.40 -26.46 12.50
CA MET A 169 -0.34 -25.67 13.13
C MET A 169 -0.86 -24.34 13.63
N ARG A 170 -1.71 -23.69 12.83
CA ARG A 170 -2.27 -22.41 13.18
C ARG A 170 -3.06 -22.48 14.48
N LYS A 171 -3.91 -23.49 14.60
CA LYS A 171 -4.71 -23.64 15.80
C LYS A 171 -3.91 -23.99 17.02
N GLN A 172 -2.89 -24.82 16.85
CA GLN A 172 -2.04 -25.21 17.96
C GLN A 172 -1.30 -23.95 18.44
N GLY A 173 -0.77 -23.17 17.50
CA GLY A 173 -0.08 -21.95 17.87
C GLY A 173 -1.06 -21.00 18.56
N LEU A 174 -2.27 -20.95 18.04
CA LEU A 174 -3.30 -20.09 18.61
C LEU A 174 -3.69 -20.51 20.03
N PHE A 175 -3.77 -21.81 20.28
CA PHE A 175 -4.13 -22.32 21.61
C PHE A 175 -3.07 -22.04 22.68
N GLN A 176 -1.79 -22.20 22.33
CA GLN A 176 -0.72 -21.94 23.29
C GLN A 176 -0.72 -20.44 23.61
N TRP A 177 -1.01 -19.64 22.60
CA TRP A 177 -1.06 -18.20 22.78
C TRP A 177 -2.18 -17.88 23.76
N LEU A 178 -3.36 -18.40 23.49
CA LEU A 178 -4.51 -18.12 24.36
C LEU A 178 -4.35 -18.69 25.78
N ASP A 179 -3.72 -19.85 25.90
CA ASP A 179 -3.51 -20.47 27.20
C ASP A 179 -2.54 -19.73 28.09
N SER A 180 -1.72 -18.85 27.52
CA SER A 180 -0.75 -18.09 28.30
C SER A 180 -1.12 -16.62 28.49
N LEU A 181 -2.27 -16.21 27.97
CA LEU A 181 -2.69 -14.82 28.10
C LEU A 181 -3.08 -14.44 29.53
N GLN A 182 -2.82 -13.17 29.88
CA GLN A 182 -3.17 -12.65 31.19
C GLN A 182 -4.69 -12.66 31.28
N ILE A 183 -5.21 -12.91 32.48
CA ILE A 183 -6.65 -12.96 32.69
C ILE A 183 -7.14 -11.71 33.42
N ASP A 184 -6.40 -11.28 34.43
CA ASP A 184 -6.78 -10.13 35.25
C ASP A 184 -6.23 -8.76 34.81
N ASN A 185 -5.01 -8.75 34.25
CA ASN A 185 -4.39 -7.50 33.80
C ASN A 185 -4.89 -7.08 32.42
N LEU A 186 -5.88 -6.19 32.42
CA LEU A 186 -6.48 -5.71 31.20
C LEU A 186 -5.57 -4.83 30.35
N THR A 187 -4.44 -4.38 30.91
CA THR A 187 -3.53 -3.54 30.14
C THR A 187 -2.36 -4.34 29.57
N SER A 188 -2.46 -5.67 29.66
CA SER A 188 -1.42 -6.55 29.14
C SER A 188 -1.35 -6.42 27.61
N PRO A 189 -0.20 -5.96 27.09
CA PRO A 189 0.02 -5.77 25.65
C PRO A 189 -0.44 -6.93 24.79
N ASP A 190 -0.04 -8.14 25.14
CA ASP A 190 -0.45 -9.32 24.38
C ASP A 190 -1.97 -9.46 24.33
N LEU A 191 -2.63 -9.20 25.45
CA LEU A 191 -4.08 -9.30 25.53
C LEU A 191 -4.71 -8.22 24.64
N GLN A 192 -4.12 -7.02 24.68
CA GLN A 192 -4.60 -5.91 23.87
C GLN A 192 -4.52 -6.26 22.37
N LEU A 193 -3.42 -6.91 21.97
CA LEU A 193 -3.26 -7.30 20.57
C LEU A 193 -4.32 -8.33 20.21
N THR A 194 -4.53 -9.28 21.11
CA THR A 194 -5.50 -10.34 20.88
C THR A 194 -6.91 -9.76 20.66
N VAL A 195 -7.29 -8.80 21.48
CA VAL A 195 -8.61 -8.20 21.33
C VAL A 195 -8.64 -7.44 20.01
N GLY A 196 -7.51 -6.83 19.67
CA GLY A 196 -7.45 -6.08 18.42
C GLY A 196 -7.66 -7.00 17.24
N ALA A 197 -7.16 -8.23 17.34
CA ALA A 197 -7.30 -9.22 16.27
C ALA A 197 -8.76 -9.67 16.17
N VAL A 198 -9.43 -9.69 17.32
CA VAL A 198 -10.83 -10.09 17.36
C VAL A 198 -11.62 -9.08 16.53
N ILE A 199 -11.39 -7.81 16.81
CA ILE A 199 -12.07 -6.73 16.10
C ILE A 199 -11.75 -6.78 14.61
N VAL A 200 -10.51 -7.12 14.27
CA VAL A 200 -10.15 -7.18 12.87
C VAL A 200 -10.84 -8.38 12.20
N GLU A 201 -11.08 -9.45 12.94
CA GLU A 201 -11.75 -10.63 12.36
C GLU A 201 -13.16 -10.23 11.94
N GLU A 202 -13.79 -9.42 12.77
CA GLU A 202 -15.13 -8.93 12.50
C GLU A 202 -15.10 -7.98 11.32
N MET A 203 -14.14 -7.07 11.33
CA MET A 203 -13.99 -6.09 10.27
C MET A 203 -13.86 -6.78 8.91
N ARG A 204 -12.99 -7.78 8.84
CA ARG A 204 -12.78 -8.50 7.60
C ARG A 204 -14.01 -9.31 7.18
N ALA A 205 -14.76 -9.82 8.15
CA ALA A 205 -15.95 -10.59 7.82
C ALA A 205 -16.96 -9.67 7.16
N ALA A 206 -17.08 -8.46 7.70
CA ALA A 206 -18.03 -7.49 7.16
C ALA A 206 -17.66 -7.10 5.73
N ILE A 207 -16.37 -6.82 5.50
CA ILE A 207 -15.91 -6.45 4.17
C ILE A 207 -16.31 -7.52 3.16
N GLU A 208 -16.08 -8.79 3.50
CA GLU A 208 -16.41 -9.90 2.60
C GLU A 208 -17.92 -10.05 2.40
N ARG A 209 -18.66 -10.04 3.50
CA ARG A 209 -20.11 -10.16 3.49
C ARG A 209 -20.78 -9.10 2.62
N GLU A 210 -20.34 -7.86 2.75
CA GLU A 210 -20.90 -6.74 2.00
C GLU A 210 -20.32 -6.46 0.61
N THR A 211 -19.12 -6.93 0.34
CA THR A 211 -18.51 -6.66 -0.97
C THR A 211 -18.03 -7.90 -1.69
N GLY A 212 -17.87 -8.99 -0.95
CA GLY A 212 -17.38 -10.22 -1.56
C GLY A 212 -15.85 -10.27 -1.64
N PHE A 213 -15.19 -9.16 -1.33
CA PHE A 213 -13.72 -9.10 -1.37
C PHE A 213 -13.07 -9.77 -0.14
N GLN A 214 -11.92 -10.37 -0.36
CA GLN A 214 -11.18 -10.99 0.72
C GLN A 214 -9.93 -10.16 0.96
N CYS A 215 -9.33 -10.32 2.13
CA CYS A 215 -8.13 -9.56 2.44
C CYS A 215 -7.36 -10.14 3.60
N SER A 216 -6.22 -9.51 3.87
CA SER A 216 -5.36 -9.93 4.97
C SER A 216 -5.11 -8.73 5.88
N ALA A 217 -4.64 -9.02 7.08
CA ALA A 217 -4.34 -7.96 8.03
C ALA A 217 -3.19 -8.37 8.91
N GLY A 218 -2.58 -7.34 9.50
CA GLY A 218 -1.49 -7.54 10.42
C GLY A 218 -1.90 -6.75 11.64
N ILE A 219 -1.66 -7.31 12.82
CA ILE A 219 -2.01 -6.64 14.06
C ILE A 219 -0.76 -6.66 14.91
N SER A 220 -0.34 -5.47 15.35
CA SER A 220 0.84 -5.36 16.19
C SER A 220 0.80 -4.06 16.98
N HIS A 221 1.95 -3.55 17.42
CA HIS A 221 1.97 -2.31 18.19
C HIS A 221 2.28 -1.02 17.44
N ASN A 222 2.70 -1.13 16.18
CA ASN A 222 3.01 0.05 15.39
C ASN A 222 2.79 -0.27 13.91
N LYS A 223 2.78 0.75 13.06
CA LYS A 223 2.55 0.60 11.63
C LYS A 223 3.55 -0.32 10.92
N VAL A 224 4.82 -0.16 11.26
CA VAL A 224 5.87 -0.97 10.66
C VAL A 224 5.66 -2.46 10.89
N LEU A 225 5.40 -2.85 12.14
CA LEU A 225 5.19 -4.26 12.44
C LEU A 225 3.86 -4.76 11.90
N ALA A 226 2.85 -3.90 11.93
CA ALA A 226 1.54 -4.29 11.41
C ALA A 226 1.65 -4.58 9.90
N LYS A 227 2.36 -3.71 9.18
CA LYS A 227 2.54 -3.87 7.75
C LYS A 227 3.31 -5.16 7.45
N LEU A 228 4.37 -5.40 8.22
CA LEU A 228 5.17 -6.61 8.03
C LEU A 228 4.37 -7.86 8.39
N ALA A 229 3.59 -7.80 9.45
CA ALA A 229 2.81 -8.95 9.86
C ALA A 229 1.76 -9.32 8.81
N CYS A 230 1.25 -8.31 8.13
CA CYS A 230 0.22 -8.51 7.11
C CYS A 230 0.68 -9.42 5.99
N GLY A 231 1.93 -9.28 5.54
CA GLY A 231 2.40 -10.13 4.46
C GLY A 231 2.86 -11.52 4.88
N LEU A 232 2.85 -11.80 6.18
CA LEU A 232 3.29 -13.11 6.66
C LEU A 232 2.38 -14.28 6.33
N ASN A 233 1.07 -14.06 6.34
CA ASN A 233 0.14 -15.15 6.03
C ASN A 233 -0.99 -14.73 5.10
N LYS A 234 -0.66 -14.67 3.81
CA LYS A 234 -1.63 -14.32 2.78
C LYS A 234 -1.92 -15.62 2.04
N PRO A 235 -3.14 -15.74 1.49
CA PRO A 235 -4.22 -14.76 1.51
C PRO A 235 -5.33 -15.10 2.50
N ASN A 236 -6.27 -14.16 2.64
CA ASN A 236 -7.43 -14.33 3.51
C ASN A 236 -7.08 -14.82 4.91
N ARG A 237 -6.03 -14.25 5.48
CA ARG A 237 -5.59 -14.61 6.83
C ARG A 237 -5.01 -13.37 7.51
N GLN A 238 -4.92 -13.41 8.84
CA GLN A 238 -4.35 -12.28 9.56
C GLN A 238 -3.29 -12.76 10.54
N THR A 239 -2.26 -11.95 10.75
CA THR A 239 -1.17 -12.33 11.62
C THR A 239 -0.94 -11.35 12.77
N LEU A 240 -0.80 -11.89 13.97
CA LEU A 240 -0.57 -11.09 15.17
C LEU A 240 0.92 -11.19 15.50
N VAL A 241 1.58 -10.03 15.60
CA VAL A 241 2.99 -10.00 15.93
C VAL A 241 3.17 -9.27 17.26
N SER A 242 3.54 -10.03 18.29
CA SER A 242 3.71 -9.49 19.63
C SER A 242 5.12 -8.94 19.78
N HIS A 243 5.34 -8.11 20.79
CA HIS A 243 6.66 -7.53 21.04
C HIS A 243 7.66 -8.63 21.32
N GLY A 244 7.21 -9.67 22.02
CA GLY A 244 8.07 -10.79 22.35
C GLY A 244 8.52 -11.63 21.16
N SER A 245 7.77 -11.57 20.06
CA SER A 245 8.14 -12.36 18.87
C SER A 245 9.12 -11.64 17.96
N VAL A 246 9.34 -10.35 18.19
CA VAL A 246 10.21 -9.55 17.33
C VAL A 246 11.66 -10.02 17.16
N PRO A 247 12.37 -10.33 18.26
CA PRO A 247 13.75 -10.79 18.11
C PRO A 247 13.84 -11.95 17.13
N GLN A 248 12.97 -12.94 17.31
CA GLN A 248 12.94 -14.09 16.44
C GLN A 248 12.56 -13.74 15.00
N LEU A 249 11.52 -12.95 14.84
CA LEU A 249 11.06 -12.54 13.51
C LEU A 249 12.11 -11.74 12.75
N PHE A 250 12.88 -10.93 13.47
CA PHE A 250 13.90 -10.09 12.84
C PHE A 250 15.24 -10.80 12.63
N SER A 251 15.44 -11.90 13.34
CA SER A 251 16.68 -12.66 13.24
C SER A 251 17.05 -12.96 11.79
N GLN A 252 16.05 -13.23 10.96
CA GLN A 252 16.32 -13.52 9.56
C GLN A 252 15.38 -12.75 8.62
N MET A 253 15.03 -11.53 9.02
CA MET A 253 14.17 -10.69 8.21
C MET A 253 15.06 -9.79 7.37
N PRO A 254 14.99 -9.93 6.05
CA PRO A 254 15.84 -9.07 5.22
C PRO A 254 15.53 -7.61 5.54
N ILE A 255 16.58 -6.81 5.72
CA ILE A 255 16.42 -5.40 6.02
C ILE A 255 15.49 -4.64 5.05
N ARG A 256 15.64 -4.88 3.75
CA ARG A 256 14.82 -4.18 2.77
C ARG A 256 13.35 -4.57 2.77
N LYS A 257 12.95 -5.47 3.65
CA LYS A 257 11.54 -5.84 3.72
C LYS A 257 10.82 -4.99 4.76
N ILE A 258 11.57 -4.18 5.48
CA ILE A 258 10.99 -3.31 6.51
C ILE A 258 10.54 -1.98 5.92
N ARG A 259 9.36 -1.54 6.33
CA ARG A 259 8.80 -0.28 5.86
C ARG A 259 9.81 0.89 5.96
N SER A 260 10.00 1.57 4.83
CA SER A 260 10.91 2.70 4.67
C SER A 260 12.37 2.32 4.45
N LEU A 261 12.70 1.03 4.49
CA LEU A 261 14.09 0.60 4.25
C LEU A 261 14.24 -0.20 2.93
N GLY A 262 13.22 -0.13 2.08
CA GLY A 262 13.25 -0.85 0.83
C GLY A 262 14.05 -0.17 -0.27
N GLY A 263 14.49 1.06 -0.04
CA GLY A 263 15.24 1.77 -1.05
C GLY A 263 16.70 2.03 -0.75
N LYS A 264 17.12 3.28 -0.95
CA LYS A 264 18.52 3.66 -0.72
C LYS A 264 18.97 3.66 0.73
N LEU A 265 18.13 4.16 1.62
CA LEU A 265 18.50 4.17 3.01
C LEU A 265 18.77 2.74 3.46
N GLY A 266 17.84 1.85 3.15
CA GLY A 266 18.01 0.45 3.50
C GLY A 266 19.26 -0.15 2.90
N ALA A 267 19.50 0.12 1.60
CA ALA A 267 20.69 -0.38 0.91
C ALA A 267 21.94 0.15 1.58
N SER A 268 21.88 1.42 1.98
CA SER A 268 22.99 2.07 2.67
C SER A 268 23.27 1.35 3.99
N VAL A 269 22.22 0.97 4.71
CA VAL A 269 22.40 0.28 5.99
C VAL A 269 23.11 -1.07 5.80
N ILE A 270 22.66 -1.84 4.81
CA ILE A 270 23.25 -3.14 4.51
C ILE A 270 24.74 -2.96 4.20
N GLU A 271 25.02 -2.03 3.31
CA GLU A 271 26.37 -1.71 2.85
C GLU A 271 27.34 -1.15 3.89
N ILE A 272 26.88 -0.18 4.67
CA ILE A 272 27.76 0.44 5.65
C ILE A 272 28.05 -0.37 6.90
N LEU A 273 27.07 -1.14 7.36
CA LEU A 273 27.24 -1.94 8.56
C LEU A 273 27.59 -3.38 8.28
N GLY A 274 27.49 -3.79 7.01
CA GLY A 274 27.81 -5.16 6.67
C GLY A 274 26.87 -6.16 7.31
N ILE A 275 25.57 -5.96 7.13
CA ILE A 275 24.58 -6.86 7.67
C ILE A 275 23.49 -7.08 6.63
N GLU A 276 22.73 -8.15 6.80
CA GLU A 276 21.65 -8.47 5.87
C GLU A 276 20.30 -8.47 6.59
N TYR A 277 20.33 -8.78 7.88
CA TYR A 277 19.10 -8.88 8.65
C TYR A 277 18.84 -7.81 9.71
N MET A 278 17.56 -7.47 9.86
CA MET A 278 17.13 -6.47 10.83
C MET A 278 17.70 -6.75 12.21
N GLY A 279 17.61 -8.01 12.63
CA GLY A 279 18.11 -8.41 13.93
C GLY A 279 19.58 -8.10 14.18
N GLU A 280 20.38 -7.96 13.13
CA GLU A 280 21.80 -7.65 13.26
C GLU A 280 22.08 -6.19 13.65
N LEU A 281 21.12 -5.29 13.42
CA LEU A 281 21.29 -3.87 13.80
C LEU A 281 21.41 -3.68 15.32
N THR A 282 20.90 -4.65 16.03
CA THR A 282 20.86 -4.68 17.50
C THR A 282 22.22 -4.57 18.22
N GLN A 283 23.29 -5.00 17.57
CA GLN A 283 24.63 -4.98 18.15
C GLN A 283 25.27 -3.60 18.18
N PHE A 284 24.69 -2.64 17.46
CA PHE A 284 25.28 -1.30 17.41
C PHE A 284 24.71 -0.37 18.46
N THR A 285 25.54 0.56 18.93
CA THR A 285 25.09 1.53 19.92
C THR A 285 24.34 2.62 19.15
N GLU A 286 23.48 3.36 19.84
CA GLU A 286 22.72 4.43 19.22
C GLU A 286 23.66 5.47 18.60
N SER A 287 24.75 5.78 19.31
CA SER A 287 25.74 6.75 18.83
C SER A 287 26.43 6.26 17.54
N GLN A 288 26.73 4.97 17.45
CA GLN A 288 27.33 4.44 16.21
C GLN A 288 26.35 4.65 15.07
N LEU A 289 25.07 4.33 15.31
CA LEU A 289 24.06 4.51 14.28
C LEU A 289 23.82 5.98 13.91
N GLN A 290 23.90 6.89 14.89
CA GLN A 290 23.68 8.29 14.61
C GLN A 290 24.87 8.92 13.89
N SER A 291 26.07 8.45 14.22
CA SER A 291 27.25 9.02 13.57
C SER A 291 27.33 8.59 12.11
N HIS A 292 26.58 7.58 11.74
CA HIS A 292 26.58 7.05 10.36
C HIS A 292 25.34 7.35 9.55
N PHE A 293 24.20 7.53 10.19
CA PHE A 293 22.96 7.76 9.47
C PHE A 293 22.29 9.06 9.89
N GLY A 294 22.90 9.73 10.85
CA GLY A 294 22.36 10.99 11.32
C GLY A 294 21.62 10.80 12.64
N GLU A 295 21.45 11.88 13.37
CA GLU A 295 20.77 11.83 14.64
C GLU A 295 19.41 11.17 14.55
N LYS A 296 18.58 11.68 13.65
CA LYS A 296 17.23 11.17 13.47
C LYS A 296 17.13 9.75 12.92
N ASN A 297 17.80 9.45 11.81
CA ASN A 297 17.71 8.10 11.26
C ASN A 297 18.43 7.11 12.18
N GLY A 298 19.48 7.58 12.86
CA GLY A 298 20.21 6.71 13.78
C GLY A 298 19.34 6.24 14.94
N SER A 299 18.60 7.16 15.54
CA SER A 299 17.71 6.82 16.66
C SER A 299 16.56 5.95 16.20
N TRP A 300 16.04 6.26 15.01
CA TRP A 300 14.93 5.48 14.46
C TRP A 300 15.35 4.02 14.28
N LEU A 301 16.55 3.83 13.70
CA LEU A 301 17.06 2.49 13.47
C LEU A 301 17.31 1.76 14.78
N TYR A 302 17.87 2.49 15.74
CA TYR A 302 18.18 1.91 17.04
C TYR A 302 16.92 1.33 17.67
N ALA A 303 15.83 2.10 17.63
CA ALA A 303 14.57 1.66 18.20
C ALA A 303 13.80 0.65 17.33
N MET A 304 13.83 0.83 16.02
CA MET A 304 13.09 -0.04 15.13
C MET A 304 13.57 -1.49 15.16
N CYS A 305 14.87 -1.69 15.27
CA CYS A 305 15.39 -3.06 15.30
C CYS A 305 14.98 -3.77 16.59
N ARG A 306 14.41 -3.01 17.52
CA ARG A 306 13.93 -3.59 18.78
C ARG A 306 12.39 -3.62 18.77
N GLY A 307 11.80 -3.42 17.59
CA GLY A 307 10.35 -3.44 17.44
C GLY A 307 9.62 -2.17 17.87
N ILE A 308 10.36 -1.09 18.08
CA ILE A 308 9.75 0.14 18.54
C ILE A 308 9.71 1.24 17.49
N GLU A 309 8.52 1.79 17.27
CA GLU A 309 8.31 2.85 16.30
C GLU A 309 7.07 3.64 16.74
N HIS A 310 7.10 4.96 16.59
CA HIS A 310 5.98 5.79 17.04
C HIS A 310 5.15 6.58 16.03
N ASP A 311 5.37 6.40 14.73
CA ASP A 311 4.57 7.13 13.74
C ASP A 311 3.08 6.89 13.99
N PRO A 312 2.34 7.95 14.32
CA PRO A 312 0.92 7.80 14.60
C PRO A 312 0.04 7.54 13.40
N VAL A 313 -1.08 6.87 13.64
CA VAL A 313 -2.05 6.60 12.60
C VAL A 313 -2.78 7.93 12.39
N LYS A 314 -2.67 8.50 11.19
CA LYS A 314 -3.31 9.78 10.90
C LYS A 314 -4.56 9.66 10.04
N PRO A 315 -5.73 9.99 10.61
CA PRO A 315 -6.98 9.91 9.85
C PRO A 315 -6.90 10.67 8.53
N ARG A 316 -7.05 9.93 7.44
CA ARG A 316 -7.00 10.46 6.08
C ARG A 316 -7.78 9.50 5.20
N GLN A 317 -8.64 10.04 4.35
CA GLN A 317 -9.43 9.22 3.44
C GLN A 317 -9.40 9.93 2.08
N LEU A 318 -9.35 11.25 2.14
CA LEU A 318 -9.29 12.13 0.98
C LEU A 318 -7.86 12.29 0.48
N PRO A 319 -7.65 12.21 -0.84
CA PRO A 319 -6.31 12.36 -1.41
C PRO A 319 -5.84 13.80 -1.23
N LYS A 320 -4.52 14.00 -1.07
CA LYS A 320 -3.96 15.33 -0.91
C LYS A 320 -3.68 15.91 -2.29
N THR A 321 -3.67 15.02 -3.28
CA THR A 321 -3.43 15.43 -4.66
C THR A 321 -4.17 14.49 -5.61
N ILE A 322 -4.48 14.99 -6.79
CA ILE A 322 -5.14 14.20 -7.81
C ILE A 322 -4.37 14.51 -9.08
N GLY A 323 -3.84 13.47 -9.71
CA GLY A 323 -3.08 13.72 -10.92
C GLY A 323 -2.98 12.51 -11.82
N CYS A 324 -2.35 12.69 -12.97
CA CYS A 324 -2.19 11.60 -13.91
C CYS A 324 -1.04 11.94 -14.83
N SER A 325 -0.49 10.92 -15.47
CA SER A 325 0.62 11.14 -16.36
C SER A 325 0.66 10.08 -17.42
N LYS A 326 1.63 10.23 -18.30
CA LYS A 326 1.81 9.28 -19.38
C LYS A 326 3.24 9.36 -19.88
N ASN A 327 3.75 8.21 -20.31
CA ASN A 327 5.10 8.10 -20.81
C ASN A 327 5.09 7.88 -22.31
N PHE A 328 6.07 8.45 -23.00
CA PHE A 328 6.17 8.33 -24.46
C PHE A 328 7.62 7.96 -24.76
N PRO A 329 7.92 6.66 -24.74
CA PRO A 329 9.25 6.10 -24.99
C PRO A 329 9.74 5.94 -26.44
N GLY A 330 11.06 6.06 -26.60
CA GLY A 330 11.69 5.91 -27.89
C GLY A 330 11.15 6.71 -29.06
N LYS A 331 10.67 6.01 -30.07
CA LYS A 331 10.11 6.67 -31.25
C LYS A 331 9.05 7.69 -30.86
N THR A 332 8.16 7.28 -29.96
CA THR A 332 7.04 8.07 -29.49
C THR A 332 7.31 9.41 -28.78
N ALA A 333 8.53 9.61 -28.29
CA ALA A 333 8.85 10.85 -27.59
C ALA A 333 8.24 12.09 -28.28
N LEU A 334 7.60 12.94 -27.49
CA LEU A 334 6.95 14.16 -27.98
C LEU A 334 7.93 15.22 -28.43
N ALA A 335 7.96 15.49 -29.73
CA ALA A 335 8.89 16.48 -30.30
C ALA A 335 8.26 17.81 -30.71
N THR A 336 7.04 17.75 -31.26
CA THR A 336 6.35 18.95 -31.72
C THR A 336 5.40 19.60 -30.72
N ARG A 337 5.01 20.82 -31.03
CA ARG A 337 4.07 21.59 -30.21
C ARG A 337 2.70 20.94 -30.26
N GLU A 338 2.33 20.46 -31.43
CA GLU A 338 1.03 19.82 -31.63
C GLU A 338 0.91 18.60 -30.72
N GLN A 339 1.97 17.80 -30.67
CA GLN A 339 2.01 16.59 -29.85
C GLN A 339 1.84 16.90 -28.37
N VAL A 340 2.65 17.82 -27.86
CA VAL A 340 2.61 18.18 -26.45
C VAL A 340 1.29 18.83 -26.02
N GLN A 341 0.73 19.65 -26.89
CA GLN A 341 -0.52 20.31 -26.62
C GLN A 341 -1.62 19.28 -26.50
N TRP A 342 -1.69 18.34 -27.43
CA TRP A 342 -2.73 17.35 -27.37
C TRP A 342 -2.68 16.44 -26.16
N TRP A 343 -1.51 15.91 -25.84
CA TRP A 343 -1.40 15.04 -24.69
C TRP A 343 -1.63 15.81 -23.38
N LEU A 344 -1.23 17.08 -23.36
CA LEU A 344 -1.48 17.87 -22.15
C LEU A 344 -2.99 17.98 -22.00
N LEU A 345 -3.68 18.19 -23.14
CA LEU A 345 -5.13 18.30 -23.14
C LEU A 345 -5.81 17.01 -22.65
N GLN A 346 -5.36 15.86 -23.15
CA GLN A 346 -5.94 14.59 -22.73
C GLN A 346 -5.79 14.43 -21.22
N LEU A 347 -4.60 14.74 -20.71
CA LEU A 347 -4.34 14.63 -19.29
C LEU A 347 -5.23 15.59 -18.50
N ALA A 348 -5.30 16.85 -18.94
CA ALA A 348 -6.12 17.83 -18.25
C ALA A 348 -7.61 17.46 -18.24
N GLN A 349 -8.05 16.75 -19.28
CA GLN A 349 -9.44 16.33 -19.35
C GLN A 349 -9.73 15.25 -18.33
N GLU A 350 -8.79 14.32 -18.14
CA GLU A 350 -8.98 13.29 -17.13
C GLU A 350 -8.99 14.02 -15.78
N LEU A 351 -8.07 14.98 -15.64
CA LEU A 351 -7.97 15.74 -14.40
C LEU A 351 -9.29 16.44 -14.08
N GLU A 352 -9.85 17.13 -15.08
CA GLU A 352 -11.11 17.83 -14.91
C GLU A 352 -12.19 16.84 -14.46
N GLU A 353 -12.25 15.70 -15.13
CA GLU A 353 -13.24 14.68 -14.80
C GLU A 353 -13.16 14.27 -13.34
N ARG A 354 -11.95 14.01 -12.86
CA ARG A 354 -11.73 13.60 -11.48
C ARG A 354 -11.92 14.75 -10.49
N LEU A 355 -11.39 15.92 -10.82
CA LEU A 355 -11.54 17.06 -9.94
C LEU A 355 -13.02 17.39 -9.73
N THR A 356 -13.81 17.26 -10.79
CA THR A 356 -15.23 17.55 -10.72
C THR A 356 -15.95 16.64 -9.74
N LYS A 357 -15.74 15.34 -9.87
CA LYS A 357 -16.37 14.42 -8.94
C LYS A 357 -15.87 14.73 -7.54
N ASP A 358 -14.58 15.03 -7.43
CA ASP A 358 -13.99 15.34 -6.15
C ASP A 358 -14.73 16.49 -5.49
N ARG A 359 -14.97 17.56 -6.24
CA ARG A 359 -15.68 18.73 -5.72
C ARG A 359 -17.14 18.41 -5.44
N ASN A 360 -17.76 17.56 -6.26
CA ASN A 360 -19.14 17.18 -6.06
C ASN A 360 -19.25 16.35 -4.78
N ASP A 361 -18.34 15.39 -4.66
CA ASP A 361 -18.32 14.50 -3.50
C ASP A 361 -17.74 15.02 -2.19
N ASN A 362 -16.67 15.81 -2.25
CA ASN A 362 -16.04 16.28 -1.01
C ASN A 362 -15.98 17.78 -0.72
N ASP A 363 -16.64 18.57 -1.56
CA ASP A 363 -16.68 20.03 -1.36
C ASP A 363 -15.35 20.74 -1.10
N ARG A 364 -14.32 20.41 -1.86
CA ARG A 364 -13.04 21.10 -1.72
C ARG A 364 -12.54 21.39 -3.12
N VAL A 365 -11.72 22.41 -3.28
CA VAL A 365 -11.21 22.75 -4.60
C VAL A 365 -9.70 22.88 -4.64
N ALA A 366 -9.10 22.38 -5.72
CA ALA A 366 -7.66 22.46 -5.90
C ALA A 366 -7.32 23.89 -6.31
N THR A 367 -6.28 24.43 -5.71
CA THR A 367 -5.87 25.81 -6.00
C THR A 367 -4.53 25.83 -6.74
N GLN A 368 -3.93 24.66 -6.91
CA GLN A 368 -2.64 24.59 -7.55
C GLN A 368 -2.48 23.47 -8.57
N LEU A 369 -1.77 23.77 -9.65
CA LEU A 369 -1.53 22.80 -10.70
C LEU A 369 -0.03 22.56 -10.81
N VAL A 370 0.38 21.31 -10.68
CA VAL A 370 1.80 20.97 -10.79
C VAL A 370 2.03 20.29 -12.12
N VAL A 371 3.05 20.76 -12.84
CA VAL A 371 3.38 20.16 -14.12
C VAL A 371 4.76 19.53 -14.01
N SER A 372 4.89 18.29 -14.45
CA SER A 372 6.17 17.62 -14.39
C SER A 372 6.45 16.92 -15.71
N ILE A 373 7.72 16.89 -16.10
CA ILE A 373 8.10 16.24 -17.35
C ILE A 373 9.44 15.49 -17.22
N ARG A 374 9.74 14.73 -18.26
CA ARG A 374 11.01 14.01 -18.35
C ARG A 374 11.49 14.18 -19.78
N VAL A 375 12.72 14.64 -19.94
CA VAL A 375 13.25 14.85 -21.28
C VAL A 375 14.07 13.62 -21.69
N GLN A 376 13.96 13.24 -22.96
CA GLN A 376 14.68 12.08 -23.46
C GLN A 376 16.16 12.13 -23.09
N GLY A 377 16.67 11.01 -22.60
CA GLY A 377 18.06 10.93 -22.20
C GLY A 377 18.24 11.06 -20.69
N ASP A 378 17.20 11.46 -19.99
CA ASP A 378 17.28 11.61 -18.54
C ASP A 378 16.87 10.31 -17.87
N LYS A 379 17.73 9.79 -17.02
CA LYS A 379 17.49 8.54 -16.31
C LYS A 379 16.44 8.65 -15.21
N ARG A 380 16.34 9.83 -14.61
CA ARG A 380 15.39 10.07 -13.53
C ARG A 380 13.93 9.90 -13.92
N LEU A 381 13.10 9.62 -12.92
CA LEU A 381 11.67 9.43 -13.13
C LEU A 381 11.08 10.70 -13.72
N SER A 382 11.51 11.83 -13.18
CA SER A 382 11.05 13.14 -13.64
C SER A 382 12.27 14.03 -13.80
N SER A 383 12.30 14.81 -14.87
CA SER A 383 13.43 15.70 -15.11
C SER A 383 13.27 16.97 -14.30
N LEU A 384 12.05 17.45 -14.20
CA LEU A 384 11.79 18.67 -13.46
C LEU A 384 10.30 18.81 -13.21
N ARG A 385 9.95 19.74 -12.34
CA ARG A 385 8.56 19.96 -12.00
C ARG A 385 8.34 21.44 -11.69
N ARG A 386 7.21 21.96 -12.15
CA ARG A 386 6.86 23.35 -11.95
C ARG A 386 5.39 23.42 -11.57
N CYS A 387 4.93 24.59 -11.15
CA CYS A 387 3.53 24.72 -10.77
C CYS A 387 2.97 26.08 -11.14
N CYS A 388 1.65 26.19 -11.06
CA CYS A 388 0.99 27.46 -11.34
C CYS A 388 -0.38 27.39 -10.69
N ALA A 389 -1.04 28.53 -10.59
CA ALA A 389 -2.37 28.59 -9.99
C ALA A 389 -3.38 27.80 -10.80
N LEU A 390 -4.34 27.19 -10.10
CA LEU A 390 -5.39 26.42 -10.74
C LEU A 390 -6.69 27.11 -10.35
N THR A 391 -7.07 28.12 -11.12
CA THR A 391 -8.27 28.90 -10.86
C THR A 391 -9.56 28.25 -11.36
N ARG A 392 -9.54 27.74 -12.58
CA ARG A 392 -10.74 27.12 -13.13
C ARG A 392 -10.60 25.66 -13.51
N TYR A 393 -11.63 24.89 -13.21
CA TYR A 393 -11.64 23.47 -13.54
C TYR A 393 -11.98 23.34 -15.02
N ASP A 394 -11.15 23.92 -15.87
CA ASP A 394 -11.33 23.85 -17.32
C ASP A 394 -10.12 23.18 -17.97
N ALA A 395 -10.35 22.01 -18.55
CA ALA A 395 -9.28 21.27 -19.20
C ALA A 395 -8.49 22.02 -20.28
N HIS A 396 -9.19 22.82 -21.11
CA HIS A 396 -8.52 23.55 -22.17
C HIS A 396 -7.58 24.60 -21.58
N LYS A 397 -8.07 25.35 -20.60
CA LYS A 397 -7.24 26.37 -19.96
C LYS A 397 -6.03 25.74 -19.24
N MET A 398 -6.28 24.71 -18.44
CA MET A 398 -5.19 24.05 -17.71
C MET A 398 -4.14 23.51 -18.68
N SER A 399 -4.57 22.96 -19.80
CA SER A 399 -3.63 22.42 -20.78
C SER A 399 -2.71 23.52 -21.28
N HIS A 400 -3.27 24.70 -21.54
CA HIS A 400 -2.48 25.83 -22.02
C HIS A 400 -1.61 26.41 -20.92
N ASP A 401 -2.10 26.40 -19.68
CA ASP A 401 -1.30 26.91 -18.56
C ASP A 401 -0.10 26.00 -18.37
N ALA A 402 -0.35 24.69 -18.40
CA ALA A 402 0.73 23.71 -18.23
C ALA A 402 1.75 23.87 -19.35
N PHE A 403 1.25 24.09 -20.57
CA PHE A 403 2.10 24.24 -21.75
C PHE A 403 3.02 25.46 -21.61
N THR A 404 2.46 26.54 -21.10
CA THR A 404 3.22 27.75 -20.93
C THR A 404 4.36 27.57 -19.93
N VAL A 405 4.13 26.84 -18.84
CA VAL A 405 5.21 26.67 -17.87
C VAL A 405 6.29 25.71 -18.38
N ILE A 406 5.92 24.70 -19.16
CA ILE A 406 6.96 23.81 -19.66
C ILE A 406 7.69 24.43 -20.84
N LYS A 407 7.04 25.39 -21.50
CA LYS A 407 7.67 26.06 -22.63
C LYS A 407 8.84 26.89 -22.08
N ASN A 408 8.62 27.49 -20.91
CA ASN A 408 9.62 28.32 -20.24
C ASN A 408 10.90 27.61 -19.81
N CYS A 409 10.78 26.33 -19.43
CA CYS A 409 11.90 25.53 -18.95
C CYS A 409 13.11 25.28 -19.85
N ASN A 410 12.89 24.96 -21.12
CA ASN A 410 13.97 24.68 -22.07
C ASN A 410 14.44 23.24 -21.89
N ILE A 414 13.87 23.44 -28.95
CA ILE A 414 14.94 24.40 -29.19
C ILE A 414 14.42 25.78 -29.58
N GLN A 415 13.35 26.22 -28.92
CA GLN A 415 12.76 27.54 -29.19
C GLN A 415 11.79 27.43 -30.37
N THR A 416 11.75 26.26 -31.01
CA THR A 416 10.86 26.04 -32.16
C THR A 416 10.23 24.65 -32.13
N GLU A 417 10.85 23.74 -31.39
CA GLU A 417 10.38 22.37 -31.20
C GLU A 417 10.98 21.91 -29.89
N TRP A 418 10.84 20.62 -29.57
CA TRP A 418 11.43 20.13 -28.34
C TRP A 418 12.63 19.26 -28.61
N SER A 419 13.77 19.71 -28.12
CA SER A 419 15.01 18.97 -28.28
C SER A 419 15.87 19.16 -27.03
N PRO A 420 16.09 18.08 -26.27
CA PRO A 420 15.52 16.76 -26.61
C PRO A 420 14.01 16.66 -26.39
N PRO A 421 13.37 15.64 -26.99
CA PRO A 421 11.93 15.39 -26.88
C PRO A 421 11.52 14.93 -25.48
N LEU A 422 10.22 14.97 -25.20
CA LEU A 422 9.70 14.58 -23.89
C LEU A 422 9.25 13.12 -23.89
N THR A 423 9.64 12.38 -22.86
CA THR A 423 9.25 10.99 -22.74
C THR A 423 8.21 10.85 -21.63
N MET A 424 7.81 11.96 -21.05
CA MET A 424 6.82 11.90 -19.98
C MET A 424 6.18 13.26 -19.69
N LEU A 425 4.86 13.24 -19.46
CA LEU A 425 4.06 14.42 -19.13
C LEU A 425 3.26 14.05 -17.90
N PHE A 426 3.22 14.97 -16.94
CA PHE A 426 2.53 14.73 -15.68
C PHE A 426 1.76 15.99 -15.22
N LEU A 427 0.51 15.79 -14.84
CA LEU A 427 -0.32 16.89 -14.33
C LEU A 427 -0.89 16.43 -13.00
N CYS A 428 -0.93 17.35 -12.04
CA CYS A 428 -1.42 17.03 -10.70
C CYS A 428 -2.08 18.26 -10.07
N ALA A 429 -3.24 18.05 -9.48
CA ALA A 429 -3.97 19.12 -8.83
C ALA A 429 -3.75 18.96 -7.33
N THR A 430 -3.37 20.04 -6.67
CA THR A 430 -3.15 19.95 -5.24
C THR A 430 -3.53 21.22 -4.50
N LYS A 431 -3.07 21.34 -3.25
CA LYS A 431 -3.35 22.48 -2.40
C LYS A 431 -4.86 22.70 -2.32
N PHE A 432 -5.58 21.67 -1.91
CA PHE A 432 -7.02 21.75 -1.78
C PHE A 432 -7.43 22.66 -0.62
N SER A 433 -8.57 23.34 -0.79
CA SER A 433 -9.11 24.23 0.23
C SER A 433 -10.54 24.58 -0.16
P TTD B 5 4.67 -0.84 -21.00
OP1 TTD B 5 5.23 -0.66 -22.35
OP2 TTD B 5 3.43 -1.65 -20.80
O5' TTD B 5 4.41 0.59 -20.36
C5' TTD B 5 4.28 0.68 -18.96
C4R TTD B 5 2.99 1.38 -18.60
O4' TTD B 5 2.76 1.06 -17.21
C3R TTD B 5 3.11 2.89 -18.65
O3R TTD B 5 1.84 3.47 -18.93
C2' TTD B 5 3.56 3.24 -17.24
C1' TTD B 5 2.77 2.24 -16.42
N1 TTD B 5 3.37 1.93 -15.12
C2 TTD B 5 2.76 1.06 -14.28
O2 TTD B 5 1.66 0.62 -14.56
N3 TTD B 5 3.36 0.73 -13.08
C4 TTD B 5 4.60 1.16 -12.64
O4 TTD B 5 5.06 0.67 -11.61
C5 TTD B 5 5.38 2.13 -13.38
C5A TTD B 5 6.76 1.54 -13.68
C6 TTD B 5 4.60 2.51 -14.63
PB TTD B 5 1.74 5.06 -19.21
O5P TTD B 5 2.54 5.36 -20.42
O4P TTD B 5 0.30 5.41 -19.17
O5R TTD B 5 2.49 5.71 -17.96
C5R TTD B 5 1.81 6.49 -16.99
O4R TTD B 5 1.95 4.61 -15.44
C2R TTD B 5 1.25 5.98 -13.69
C1R TTD B 5 1.81 4.60 -14.03
N1T TTD B 5 3.01 4.14 -13.23
C2T TTD B 5 2.90 4.06 -11.87
O2T TTD B 5 1.82 4.15 -11.32
N3T TTD B 5 3.99 3.83 -11.11
C4T TTD B 5 5.20 3.80 -11.74
O4T TTD B 5 6.18 3.87 -11.02
C5T TTD B 5 5.42 3.68 -13.18
C5M TTD B 5 6.71 4.33 -13.71
C6T TTD B 5 4.17 3.94 -14.13
C4' TTD B 5 1.05 5.60 -16.05
C3' TTD B 5 0.40 6.35 -14.89
O3' TTD B 5 -0.96 5.96 -14.77
N1 DZ4 D . 1.98 -0.16 -10.86
C2 DZ4 D . 0.69 -0.12 -11.19
N3 DZ4 D . -0.25 -0.70 -10.42
C4 DZ4 D . 0.08 -1.37 -9.30
C5 DZ4 D . 1.46 -1.43 -8.91
C6 DZ4 D . 2.42 -0.78 -9.75
N6 DZ4 D . 3.77 -0.81 -9.45
N7 DZ4 D . 1.53 -2.11 -7.77
C8 DZ4 D . 0.33 -2.49 -7.42
N9 DZ4 D . -0.61 -2.04 -8.32
PA DZ4 D . -0.71 -4.69 -3.92
PB DZ4 D . -2.11 -7.17 -4.81
PG DZ4 D . -1.45 -8.83 -2.72
C1' DZ4 D . -2.04 -2.26 -8.29
O1A DZ4 D . -1.32 -4.66 -2.82
O1B DZ4 D . -3.11 -6.65 -4.26
O1G DZ4 D . -1.52 -7.74 -1.99
C2' DZ4 D . -2.32 -3.75 -8.63
O2A DZ4 D . 0.63 -4.40 -3.97
O2B DZ4 D . -2.30 -7.34 -6.04
O2G DZ4 D . -2.25 -9.82 -2.31
C3' DZ4 D . -2.92 -4.42 -7.41
O3' DZ4 D . -3.92 -5.25 -7.56
N3A DZ4 D . -0.86 -6.13 -4.62
O3B DZ4 D . -1.76 -8.52 -4.19
O3G DZ4 D . -0.19 -9.32 -2.69
C4' DZ4 D . -3.14 -3.18 -6.52
O4' DZ4 D . -2.60 -2.05 -7.08
C5' DZ4 D . -2.65 -3.53 -5.11
O5' DZ4 D . -1.29 -3.63 -4.86
C1 GOL E . 11.27 -10.95 23.67
O1 GOL E . 11.57 -11.80 24.77
C2 GOL E . 11.66 -9.51 24.00
O2 GOL E . 13.07 -9.44 24.28
C3 GOL E . 11.33 -8.61 22.81
O3 GOL E . 11.69 -7.27 23.10
C1 GOL F . 28.76 5.00 21.82
O1 GOL F . 29.86 4.09 21.84
C2 GOL F . 27.65 4.49 22.74
O2 GOL F . 28.14 4.38 24.08
C3 GOL F . 26.46 5.47 22.71
O3 GOL F . 25.40 4.99 23.55
C1 GOL G . -21.68 17.91 -12.50
O1 GOL G . -20.39 17.50 -12.96
C2 GOL G . -21.53 18.94 -11.39
O2 GOL G . -20.82 20.09 -11.86
C3 GOL G . -22.92 19.36 -10.89
O3 GOL G . -22.80 20.33 -9.85
C1 GOL H . 1.01 -3.62 2.56
O1 GOL H . 1.72 -2.66 1.77
C2 GOL H . 1.47 -5.02 2.18
O2 GOL H . 2.88 -5.15 2.42
C3 GOL H . 0.72 -6.06 3.00
O3 GOL H . 1.15 -7.36 2.63
O5' 3D1 I . 11.46 12.33 15.35
C5' 3D1 I . 11.66 11.14 14.64
C4' 3D1 I . 10.64 10.75 13.57
O4' 3D1 I . 11.07 10.69 12.26
C1' 3D1 I . 10.75 9.52 11.68
N9 3D1 I . 11.78 8.80 10.94
C4 3D1 I . 11.46 7.95 9.90
N3 3D1 I . 10.28 7.58 9.33
C2 3D1 I . 10.25 6.73 8.30
N1 3D1 I . 11.39 6.21 7.81
C6 3D1 I . 12.61 6.52 8.31
N6 3D1 I . 13.75 5.97 7.78
C5 3D1 I . 12.68 7.43 9.41
N7 3D1 I . 13.68 7.96 10.16
C8 3D1 I . 13.15 8.77 11.07
C2' 3D1 I . 10.13 8.61 12.74
C3' 3D1 I . 9.91 9.43 13.98
O3' 3D1 I . 8.65 9.55 14.42
C1 GOL J . 29.34 -4.52 17.08
O1 GOL J . 30.01 -5.08 15.95
C2 GOL J . 30.16 -3.36 17.64
O2 GOL J . 30.35 -2.35 16.63
C3 GOL J . 29.43 -2.76 18.86
O3 GOL J . 30.17 -1.67 19.39
C1 GOL K . 18.11 19.06 -17.56
O1 GOL K . 18.59 19.41 -16.25
C2 GOL K . 18.45 17.59 -17.83
O2 GOL K . 17.76 16.83 -16.98
C3 GOL K . 17.89 17.27 -19.23
O3 GOL K . 18.15 15.89 -19.54
C1 GOL L . -12.20 -23.66 12.50
O1 GOL L . -11.78 -22.84 11.39
C2 GOL L . -12.31 -22.76 13.74
O2 GOL L . -13.32 -21.79 13.50
C3 GOL L . -12.72 -23.60 14.94
O3 GOL L . -12.79 -22.76 16.09
C1 GOL M . 23.31 7.30 4.15
O1 GOL M . 22.58 6.31 4.85
C2 GOL M . 23.47 8.51 5.04
O2 GOL M . 24.24 8.14 6.09
C3 GOL M . 24.27 9.53 4.27
O3 GOL M . 24.53 10.73 5.04
S1 DTT N . 22.83 15.10 11.73
C1 DTT N . 23.64 13.85 12.73
C2 DTT N . 24.00 14.45 14.11
O2 DTT N . 24.92 15.60 13.96
C3 DTT N . 24.68 13.36 14.97
O3 DTT N . 25.94 12.95 14.32
C4 DTT N . 24.95 13.90 16.38
S4 DTT N . 25.82 12.61 17.32
S1 DTT O . 8.55 -17.49 19.14
C1 DTT O . 7.83 -16.88 20.68
C2 DTT O . 6.45 -16.23 20.48
O2 DTT O . 6.40 -15.22 19.43
C3 DTT O . 5.98 -15.66 21.84
O3 DTT O . 6.95 -14.73 22.44
C4 DTT O . 4.61 -14.95 21.69
S4 DTT O . 4.16 -14.27 23.32
C1 EDO P . 4.65 -19.09 25.06
O1 EDO P . 4.49 -20.45 24.63
C2 EDO P . 3.28 -18.42 25.12
O2 EDO P . 3.43 -17.01 24.96
C1 EDO Q . 9.20 -1.84 1.38
O1 EDO Q . 10.14 -2.88 1.61
C2 EDO Q . 8.30 -1.71 2.61
O2 EDO Q . 7.33 -2.75 2.62
C1 EDO R . 20.39 7.47 2.28
O1 EDO R . 21.66 7.86 1.72
C2 EDO R . 19.48 8.68 2.36
O2 EDO R . 18.43 8.54 1.40
C1 EDO S . 17.84 -0.70 -5.55
O1 EDO S . 19.04 -0.98 -4.81
C2 EDO S . 17.19 0.61 -5.07
O2 EDO S . 17.97 1.21 -4.02
C1 EDO T . 13.94 -4.46 23.62
O1 EDO T . 12.93 -5.05 22.80
C2 EDO T . 13.31 -3.34 24.45
O2 EDO T . 12.33 -3.89 25.34
MG MG U . -3.03 -6.04 -1.95
MG MG V . -1.44 -2.87 -1.18
CO CO W . -6.22 25.86 -27.12
#